data_7HRP
#
_entry.id   7HRP
#
_cell.length_a   99.239
_cell.length_b   99.305
_cell.length_c   128.325
_cell.angle_alpha   90.00
_cell.angle_beta   90.00
_cell.angle_gamma   90.00
#
_symmetry.space_group_name_H-M   'I 2 2 2'
#
loop_
_entity.id
_entity.type
_entity.pdbx_description
1 polymer 'Oleoyl-acyl carrier protein thioesterase 1, chloroplastic'
2 non-polymer quinolin-3-amine
3 non-polymer 'SULFATE ION'
4 water water
#
_entity_poly.entity_id   1
_entity_poly.type   'polypeptide(L)'
_entity_poly.pdbx_seq_one_letter_code
;MGSLTEDGLSYKEKFVVRSYEVGSNKTATVETIANLLQEVGCNHAQSVGFSTDGFATTTTMRKLHLIWVTARMHIEIYKY
PAWGDVVEIETWCQSEGRIGTRRDWILKDSVTGEVTGRATSKWVMMNQDTRRLQKVSDDVRDEYLVFCPQEPRLAFPEEN
NRSLKKIPKLEDPAQYSMIGLKPRRADLDMNQHVNNVTYIGWVLESIPQEIVDTHELQVITLDYRRECQQDDVVDSLTTT
TSEIGGTNGSATSGTQGHNDSQFLHLLRLSGDGQEINRGTTLWRKKPSSHHHHHH
;
_entity_poly.pdbx_strand_id   A,B
#
loop_
_chem_comp.id
_chem_comp.type
_chem_comp.name
_chem_comp.formula
4FS non-polymer quinolin-3-amine 'C9 H8 N2'
SO4 non-polymer 'SULFATE ION' 'O4 S -2'
#
# COMPACT_ATOMS: atom_id res chain seq x y z
N GLY A 2 -16.60 -9.09 5.50
CA GLY A 2 -17.00 -10.45 5.11
C GLY A 2 -17.70 -11.19 6.22
N SER A 3 -17.71 -12.53 6.14
CA SER A 3 -18.37 -13.34 7.15
C SER A 3 -17.92 -14.79 7.11
N LEU A 4 -18.04 -15.49 8.25
CA LEU A 4 -17.80 -16.93 8.34
C LEU A 4 -18.90 -17.64 7.54
N THR A 5 -18.56 -18.74 6.85
CA THR A 5 -19.55 -19.50 6.08
C THR A 5 -20.60 -20.18 7.02
N GLU A 6 -21.59 -20.89 6.46
CA GLU A 6 -22.65 -21.57 7.19
C GLU A 6 -22.12 -22.51 8.27
N ASP A 7 -21.04 -23.26 7.99
CA ASP A 7 -20.51 -24.20 8.97
C ASP A 7 -19.51 -23.59 9.98
N GLY A 8 -19.17 -22.31 9.83
CA GLY A 8 -18.23 -21.62 10.70
C GLY A 8 -16.81 -22.15 10.64
N LEU A 9 -16.49 -22.94 9.60
CA LEU A 9 -15.15 -23.53 9.44
C LEU A 9 -14.27 -22.85 8.37
N SER A 10 -14.77 -21.76 7.73
CA SER A 10 -14.06 -20.95 6.75
C SER A 10 -14.63 -19.53 6.71
N TYR A 11 -13.89 -18.57 6.13
CA TYR A 11 -14.31 -17.16 6.08
C TYR A 11 -14.29 -16.63 4.65
N LYS A 12 -15.29 -15.81 4.28
CA LYS A 12 -15.35 -15.23 2.94
C LYS A 12 -15.41 -13.71 2.96
N GLU A 13 -14.73 -13.05 2.02
CA GLU A 13 -14.76 -11.59 1.93
C GLU A 13 -14.63 -11.13 0.48
N LYS A 14 -15.32 -10.04 0.14
CA LYS A 14 -15.30 -9.46 -1.19
C LYS A 14 -14.52 -8.16 -1.17
N PHE A 15 -13.69 -7.95 -2.19
CA PHE A 15 -12.87 -6.77 -2.30
C PHE A 15 -13.03 -6.13 -3.66
N VAL A 16 -13.14 -4.80 -3.71
CA VAL A 16 -13.16 -4.10 -4.99
C VAL A 16 -11.71 -3.66 -5.23
N VAL A 17 -11.18 -3.87 -6.44
CA VAL A 17 -9.81 -3.47 -6.73
C VAL A 17 -9.71 -1.93 -6.90
N ARG A 18 -8.82 -1.31 -6.12
CA ARG A 18 -8.61 0.14 -6.09
C ARG A 18 -7.62 0.63 -7.14
N SER A 19 -7.75 1.91 -7.53
CA SER A 19 -6.92 2.59 -8.53
C SER A 19 -5.43 2.52 -8.23
N TYR A 20 -5.04 2.67 -6.94
CA TYR A 20 -3.63 2.61 -6.55
C TYR A 20 -3.12 1.16 -6.34
N GLU A 21 -3.99 0.16 -6.47
CA GLU A 21 -3.66 -1.25 -6.28
C GLU A 21 -3.28 -1.97 -7.58
N VAL A 22 -3.30 -1.27 -8.75
CA VAL A 22 -3.01 -1.92 -10.04
C VAL A 22 -1.63 -1.55 -10.63
N GLY A 23 -1.14 -2.42 -11.52
CA GLY A 23 0.13 -2.24 -12.22
C GLY A 23 -0.02 -1.71 -13.63
N SER A 24 1.04 -1.86 -14.45
N SER A 24 1.04 -1.86 -14.44
N SER A 24 1.04 -1.86 -14.45
CA SER A 24 1.09 -1.41 -15.83
CA SER A 24 1.10 -1.40 -15.83
CA SER A 24 1.09 -1.41 -15.83
C SER A 24 0.04 -2.05 -16.75
C SER A 24 0.07 -2.06 -16.75
C SER A 24 0.04 -2.05 -16.75
N ASN A 25 -0.40 -3.26 -16.41
CA ASN A 25 -1.41 -3.98 -17.20
C ASN A 25 -2.86 -3.60 -16.84
N LYS A 26 -3.07 -2.59 -15.96
CA LYS A 26 -4.38 -2.21 -15.45
C LYS A 26 -5.03 -3.30 -14.56
N THR A 27 -4.23 -4.24 -14.03
CA THR A 27 -4.72 -5.30 -13.15
C THR A 27 -3.94 -5.29 -11.84
N ALA A 28 -4.53 -5.87 -10.77
CA ALA A 28 -3.93 -5.93 -9.44
C ALA A 28 -2.55 -6.59 -9.47
N THR A 29 -1.62 -6.11 -8.65
CA THR A 29 -0.29 -6.72 -8.58
C THR A 29 -0.33 -7.91 -7.62
N VAL A 30 0.69 -8.78 -7.64
CA VAL A 30 0.74 -9.89 -6.68
C VAL A 30 0.89 -9.37 -5.25
N GLU A 31 1.45 -8.17 -5.07
CA GLU A 31 1.56 -7.55 -3.76
C GLU A 31 0.18 -7.11 -3.28
N THR A 32 -0.69 -6.60 -4.18
CA THR A 32 -2.06 -6.27 -3.83
C THR A 32 -2.81 -7.53 -3.39
N ILE A 33 -2.68 -8.63 -4.15
CA ILE A 33 -3.30 -9.91 -3.81
C ILE A 33 -2.83 -10.38 -2.42
N ALA A 34 -1.50 -10.42 -2.18
CA ALA A 34 -0.92 -10.84 -0.90
C ALA A 34 -1.41 -10.01 0.30
N ASN A 35 -1.67 -8.72 0.07
CA ASN A 35 -2.22 -7.81 1.06
C ASN A 35 -3.68 -8.19 1.36
N LEU A 36 -4.47 -8.51 0.33
CA LEU A 36 -5.87 -8.92 0.50
C LEU A 36 -5.99 -10.26 1.23
N LEU A 37 -5.05 -11.20 0.99
CA LEU A 37 -5.05 -12.49 1.71
C LEU A 37 -4.75 -12.27 3.20
N GLN A 38 -3.84 -11.37 3.49
CA GLN A 38 -3.44 -11.01 4.84
C GLN A 38 -4.62 -10.38 5.57
N GLU A 39 -5.34 -9.47 4.90
CA GLU A 39 -6.54 -8.80 5.42
C GLU A 39 -7.67 -9.80 5.71
N VAL A 40 -7.97 -10.71 4.77
CA VAL A 40 -9.03 -11.69 4.98
C VAL A 40 -8.62 -12.71 6.09
N GLY A 41 -7.34 -12.99 6.23
CA GLY A 41 -6.85 -13.87 7.30
C GLY A 41 -7.03 -13.23 8.67
N CYS A 42 -6.84 -11.90 8.75
N CYS A 42 -6.84 -11.91 8.74
N CYS A 42 -6.84 -11.90 8.75
CA CYS A 42 -7.00 -11.14 9.98
CA CYS A 42 -6.98 -11.14 9.96
CA CYS A 42 -7.00 -11.14 9.98
C CYS A 42 -8.46 -11.08 10.39
C CYS A 42 -8.45 -11.07 10.39
C CYS A 42 -8.46 -11.08 10.39
N ASN A 43 -9.36 -10.88 9.41
CA ASN A 43 -10.80 -10.82 9.69
C ASN A 43 -11.35 -12.18 10.12
N HIS A 44 -10.76 -13.28 9.63
CA HIS A 44 -11.15 -14.65 10.02
C HIS A 44 -10.74 -14.87 11.48
N ALA A 45 -9.51 -14.50 11.85
CA ALA A 45 -8.99 -14.59 13.22
C ALA A 45 -9.81 -13.74 14.21
N GLN A 46 -10.30 -12.56 13.76
CA GLN A 46 -11.10 -11.71 14.62
C GLN A 46 -12.50 -12.28 14.81
N SER A 47 -13.08 -12.84 13.76
N SER A 47 -13.09 -12.83 13.75
N SER A 47 -13.08 -12.84 13.76
CA SER A 47 -14.42 -13.40 13.78
CA SER A 47 -14.44 -13.38 13.81
CA SER A 47 -14.42 -13.40 13.78
C SER A 47 -14.59 -14.58 14.74
C SER A 47 -14.59 -14.56 14.77
C SER A 47 -14.59 -14.58 14.74
N VAL A 48 -13.48 -15.18 15.22
CA VAL A 48 -13.54 -16.32 16.14
C VAL A 48 -12.76 -16.08 17.46
N GLY A 49 -12.36 -14.85 17.74
CA GLY A 49 -11.72 -14.52 19.00
C GLY A 49 -10.21 -14.52 19.16
N PHE A 50 -9.45 -14.81 18.10
CA PHE A 50 -7.98 -14.78 18.19
C PHE A 50 -7.44 -13.34 18.13
N SER A 51 -6.12 -13.15 18.41
CA SER A 51 -5.52 -11.84 18.30
C SER A 51 -5.53 -11.36 16.85
N THR A 52 -5.41 -10.05 16.66
CA THR A 52 -5.48 -9.49 15.31
C THR A 52 -4.23 -8.70 14.87
N ASP A 53 -3.14 -8.82 15.63
CA ASP A 53 -1.84 -8.20 15.33
C ASP A 53 -1.01 -8.92 14.24
N GLY A 54 -1.60 -9.94 13.61
CA GLY A 54 -0.91 -10.76 12.63
C GLY A 54 -0.35 -12.04 13.20
N PHE A 55 -0.42 -12.22 14.54
CA PHE A 55 0.11 -13.42 15.19
C PHE A 55 -0.94 -14.48 15.55
N ALA A 56 -2.25 -14.13 15.47
CA ALA A 56 -3.39 -15.02 15.73
C ALA A 56 -3.20 -15.88 16.98
N THR A 57 -2.94 -15.23 18.10
CA THR A 57 -2.66 -15.87 19.38
C THR A 57 -3.89 -16.06 20.26
N THR A 58 -3.79 -17.02 21.18
CA THR A 58 -4.76 -17.33 22.22
C THR A 58 -4.24 -16.72 23.56
N THR A 59 -5.05 -16.78 24.65
CA THR A 59 -4.56 -16.27 25.95
C THR A 59 -3.40 -17.16 26.46
N THR A 60 -3.42 -18.47 26.14
CA THR A 60 -2.34 -19.39 26.49
C THR A 60 -1.04 -18.98 25.77
N MET A 61 -1.14 -18.69 24.46
N MET A 61 -1.13 -18.70 24.45
N MET A 61 -1.14 -18.69 24.46
CA MET A 61 0.03 -18.27 23.68
CA MET A 61 0.02 -18.27 23.68
CA MET A 61 0.03 -18.27 23.68
C MET A 61 0.54 -16.91 24.14
C MET A 61 0.54 -16.91 24.14
C MET A 61 0.54 -16.91 24.14
N ARG A 62 -0.37 -16.00 24.49
CA ARG A 62 0.02 -14.67 24.96
C ARG A 62 0.78 -14.73 26.30
N LYS A 63 0.37 -15.66 27.17
CA LYS A 63 0.97 -15.93 28.48
C LYS A 63 2.41 -16.46 28.28
N LEU A 64 2.59 -17.36 27.30
CA LEU A 64 3.89 -17.96 27.02
C LEU A 64 4.79 -17.19 26.06
N HIS A 65 4.36 -15.99 25.63
CA HIS A 65 5.10 -15.17 24.66
C HIS A 65 5.33 -15.91 23.36
N LEU A 66 4.31 -16.67 22.92
CA LEU A 66 4.33 -17.48 21.70
C LEU A 66 3.49 -16.83 20.61
N ILE A 67 4.03 -16.78 19.38
CA ILE A 67 3.39 -16.22 18.19
C ILE A 67 3.42 -17.21 17.00
N TRP A 68 2.62 -16.93 15.96
CA TRP A 68 2.64 -17.70 14.73
C TRP A 68 3.41 -16.87 13.71
N VAL A 69 4.36 -17.47 13.03
CA VAL A 69 5.18 -16.78 12.04
C VAL A 69 5.12 -17.51 10.68
N THR A 70 5.06 -16.78 9.54
CA THR A 70 5.03 -17.44 8.23
C THR A 70 6.39 -18.04 7.92
N ALA A 71 6.43 -19.32 7.55
CA ALA A 71 7.67 -19.97 7.14
C ALA A 71 7.72 -20.06 5.59
N ARG A 72 6.56 -20.26 4.95
CA ARG A 72 6.47 -20.36 3.50
C ARG A 72 5.12 -19.80 2.99
N MET A 73 5.14 -19.18 1.81
CA MET A 73 3.98 -18.62 1.13
C MET A 73 4.02 -19.15 -0.30
N HIS A 74 2.89 -19.57 -0.85
CA HIS A 74 2.84 -20.07 -2.20
C HIS A 74 1.62 -19.47 -2.85
N ILE A 75 1.78 -18.78 -3.98
CA ILE A 75 0.67 -18.13 -4.66
C ILE A 75 0.64 -18.46 -6.13
N GLU A 76 -0.53 -18.84 -6.65
CA GLU A 76 -0.68 -19.12 -8.06
C GLU A 76 -1.86 -18.30 -8.58
N ILE A 77 -1.61 -17.40 -9.54
CA ILE A 77 -2.65 -16.55 -10.10
C ILE A 77 -2.89 -16.90 -11.56
N TYR A 78 -4.16 -17.14 -11.92
CA TYR A 78 -4.58 -17.45 -13.29
C TYR A 78 -5.04 -16.16 -13.98
N LYS A 79 -5.72 -15.27 -13.24
CA LYS A 79 -6.20 -14.01 -13.77
C LYS A 79 -6.14 -12.94 -12.70
N TYR A 80 -5.44 -11.84 -12.98
CA TYR A 80 -5.37 -10.73 -12.04
C TYR A 80 -6.61 -9.86 -12.24
N PRO A 81 -7.34 -9.55 -11.16
CA PRO A 81 -8.55 -8.72 -11.31
C PRO A 81 -8.25 -7.30 -11.76
N ALA A 82 -9.08 -6.76 -12.66
CA ALA A 82 -8.94 -5.38 -13.14
C ALA A 82 -9.47 -4.42 -12.06
N TRP A 83 -9.08 -3.12 -12.11
CA TRP A 83 -9.56 -2.20 -11.08
C TRP A 83 -11.04 -1.93 -11.30
N GLY A 84 -11.77 -1.99 -10.21
CA GLY A 84 -13.22 -1.92 -10.24
C GLY A 84 -13.85 -3.30 -10.11
N ASP A 85 -13.11 -4.37 -10.46
CA ASP A 85 -13.61 -5.74 -10.38
C ASP A 85 -13.71 -6.21 -8.93
N VAL A 86 -14.74 -7.00 -8.63
CA VAL A 86 -14.90 -7.56 -7.29
C VAL A 86 -14.32 -8.97 -7.23
N VAL A 87 -13.42 -9.21 -6.29
CA VAL A 87 -12.78 -10.49 -6.10
C VAL A 87 -13.25 -11.08 -4.77
N GLU A 88 -13.65 -12.35 -4.75
CA GLU A 88 -14.09 -12.99 -3.52
C GLU A 88 -13.06 -14.00 -3.05
N ILE A 89 -12.56 -13.84 -1.81
CA ILE A 89 -11.55 -14.74 -1.25
C ILE A 89 -12.11 -15.58 -0.10
N GLU A 90 -11.95 -16.91 -0.18
CA GLU A 90 -12.35 -17.84 0.87
C GLU A 90 -11.11 -18.40 1.54
N THR A 91 -11.03 -18.31 2.87
CA THR A 91 -9.86 -18.78 3.61
C THR A 91 -10.22 -19.73 4.77
N TRP A 92 -9.31 -20.64 5.07
CA TRP A 92 -9.50 -21.58 6.15
C TRP A 92 -8.15 -22.04 6.71
N CYS A 93 -8.16 -22.55 7.93
CA CYS A 93 -6.94 -23.05 8.57
C CYS A 93 -7.02 -24.55 8.75
N GLN A 94 -5.86 -25.19 8.82
CA GLN A 94 -5.77 -26.61 9.03
C GLN A 94 -4.54 -26.92 9.84
N SER A 95 -4.67 -27.85 10.79
CA SER A 95 -3.56 -28.25 11.62
C SER A 95 -2.66 -29.22 10.85
N GLU A 96 -1.33 -29.08 11.00
CA GLU A 96 -0.36 -29.98 10.36
C GLU A 96 0.43 -30.71 11.44
N GLY A 97 -0.27 -31.24 12.44
CA GLY A 97 0.34 -31.96 13.55
C GLY A 97 1.09 -31.03 14.47
N ARG A 98 2.26 -31.46 14.94
CA ARG A 98 3.08 -30.61 15.80
C ARG A 98 4.03 -29.69 15.03
N ILE A 99 4.08 -29.81 13.69
CA ILE A 99 4.91 -28.97 12.84
C ILE A 99 4.40 -27.52 12.86
N GLY A 100 3.08 -27.37 12.76
CA GLY A 100 2.46 -26.05 12.78
C GLY A 100 1.10 -26.05 12.14
N THR A 101 0.71 -24.89 11.63
CA THR A 101 -0.58 -24.74 10.96
C THR A 101 -0.42 -24.38 9.49
N ARG A 102 -1.52 -24.45 8.73
CA ARG A 102 -1.53 -24.09 7.34
C ARG A 102 -2.76 -23.19 7.09
N ARG A 103 -2.59 -22.10 6.34
CA ARG A 103 -3.73 -21.29 5.95
C ARG A 103 -3.82 -21.33 4.43
N ASP A 104 -5.02 -21.64 3.89
CA ASP A 104 -5.25 -21.71 2.44
C ASP A 104 -6.25 -20.67 1.97
N TRP A 105 -6.12 -20.25 0.71
CA TRP A 105 -7.00 -19.26 0.13
C TRP A 105 -7.43 -19.67 -1.27
N ILE A 106 -8.64 -19.29 -1.66
CA ILE A 106 -9.19 -19.49 -2.99
C ILE A 106 -9.70 -18.13 -3.43
N LEU A 107 -9.22 -17.64 -4.58
CA LEU A 107 -9.68 -16.35 -5.11
C LEU A 107 -10.62 -16.63 -6.26
N LYS A 108 -11.75 -15.92 -6.30
CA LYS A 108 -12.76 -16.09 -7.35
C LYS A 108 -13.24 -14.76 -7.94
N ASP A 109 -13.76 -14.81 -9.16
CA ASP A 109 -14.39 -13.67 -9.81
C ASP A 109 -15.81 -13.67 -9.25
N SER A 110 -16.27 -12.53 -8.71
CA SER A 110 -17.61 -12.44 -8.15
C SER A 110 -18.68 -12.59 -9.23
N VAL A 111 -18.41 -12.07 -10.44
CA VAL A 111 -19.40 -12.11 -11.51
C VAL A 111 -19.53 -13.50 -12.17
N THR A 112 -18.41 -14.13 -12.49
CA THR A 112 -18.44 -15.45 -13.17
C THR A 112 -18.40 -16.64 -12.19
N GLY A 113 -17.84 -16.43 -11.02
CA GLY A 113 -17.70 -17.49 -10.02
C GLY A 113 -16.51 -18.41 -10.26
N GLU A 114 -15.70 -18.14 -11.29
CA GLU A 114 -14.54 -18.96 -11.63
C GLU A 114 -13.36 -18.68 -10.73
N VAL A 115 -12.55 -19.71 -10.49
CA VAL A 115 -11.36 -19.59 -9.64
C VAL A 115 -10.28 -18.87 -10.42
N THR A 116 -9.89 -17.67 -9.97
CA THR A 116 -8.85 -16.90 -10.65
C THR A 116 -7.47 -16.96 -9.97
N GLY A 117 -7.39 -17.62 -8.83
CA GLY A 117 -6.16 -17.77 -8.09
C GLY A 117 -6.31 -18.64 -6.85
N ARG A 118 -5.19 -19.06 -6.28
CA ARG A 118 -5.17 -19.85 -5.05
C ARG A 118 -3.84 -19.71 -4.33
N ALA A 119 -3.88 -19.74 -3.01
CA ALA A 119 -2.67 -19.62 -2.21
C ALA A 119 -2.65 -20.59 -1.03
N THR A 120 -1.45 -20.91 -0.55
CA THR A 120 -1.27 -21.74 0.62
C THR A 120 -0.08 -21.20 1.43
N SER A 121 -0.10 -21.37 2.75
CA SER A 121 1.01 -20.87 3.59
C SER A 121 1.26 -21.78 4.78
N LYS A 122 2.52 -21.92 5.18
CA LYS A 122 2.90 -22.74 6.33
C LYS A 122 3.33 -21.82 7.48
N TRP A 123 2.75 -22.02 8.67
CA TRP A 123 3.07 -21.19 9.81
C TRP A 123 3.69 -22.02 10.92
N VAL A 124 4.74 -21.50 11.54
CA VAL A 124 5.41 -22.20 12.65
C VAL A 124 5.22 -21.39 13.93
N MET A 125 5.21 -22.06 15.08
CA MET A 125 5.06 -21.38 16.36
C MET A 125 6.45 -21.05 16.91
N MET A 126 6.62 -19.82 17.43
CA MET A 126 7.91 -19.41 17.98
C MET A 126 7.77 -18.45 19.18
N ASN A 127 8.83 -18.37 20.01
CA ASN A 127 8.84 -17.43 21.12
C ASN A 127 9.20 -16.07 20.53
N GLN A 128 8.36 -15.06 20.79
CA GLN A 128 8.50 -13.68 20.34
C GLN A 128 9.87 -13.07 20.64
N ASP A 129 10.41 -13.41 21.82
CA ASP A 129 11.63 -12.85 22.37
C ASP A 129 12.91 -13.58 21.97
N THR A 130 12.99 -14.89 22.26
CA THR A 130 14.17 -15.67 21.93
C THR A 130 14.27 -16.03 20.45
N ARG A 131 13.13 -15.94 19.71
CA ARG A 131 12.98 -16.31 18.30
C ARG A 131 13.18 -17.81 18.07
N ARG A 132 12.93 -18.63 19.10
CA ARG A 132 13.09 -20.09 19.05
C ARG A 132 11.79 -20.82 18.72
N LEU A 133 11.83 -21.61 17.64
CA LEU A 133 10.65 -22.38 17.21
C LEU A 133 10.35 -23.50 18.18
N GLN A 134 9.09 -23.92 18.23
CA GLN A 134 8.69 -25.03 19.08
C GLN A 134 7.48 -25.77 18.50
N LYS A 135 7.40 -27.07 18.77
CA LYS A 135 6.31 -27.90 18.30
C LYS A 135 5.05 -27.60 19.10
N VAL A 136 3.91 -27.48 18.40
CA VAL A 136 2.61 -27.15 19.00
C VAL A 136 2.19 -28.12 20.10
N SER A 137 2.01 -27.62 21.33
CA SER A 137 1.56 -28.44 22.45
C SER A 137 0.06 -28.80 22.31
N ASP A 138 -0.41 -29.79 23.10
CA ASP A 138 -1.81 -30.21 23.04
C ASP A 138 -2.78 -29.12 23.50
N ASP A 139 -2.41 -28.40 24.55
CA ASP A 139 -3.22 -27.32 25.13
C ASP A 139 -3.46 -26.22 24.10
N VAL A 140 -2.42 -25.89 23.30
CA VAL A 140 -2.50 -24.88 22.26
C VAL A 140 -3.29 -25.40 21.05
N ARG A 141 -3.04 -26.65 20.66
CA ARG A 141 -3.72 -27.29 19.54
C ARG A 141 -5.23 -27.38 19.72
N ASP A 142 -5.68 -27.79 20.92
CA ASP A 142 -7.10 -27.94 21.25
C ASP A 142 -7.89 -26.63 21.22
N GLU A 143 -7.20 -25.49 21.36
CA GLU A 143 -7.85 -24.19 21.33
C GLU A 143 -8.21 -23.73 19.93
N TYR A 144 -7.50 -24.20 18.89
CA TYR A 144 -7.79 -23.74 17.52
C TYR A 144 -8.41 -24.81 16.62
N LEU A 145 -8.36 -26.09 17.02
CA LEU A 145 -8.89 -27.19 16.22
C LEU A 145 -10.39 -27.12 15.96
N VAL A 146 -11.16 -26.54 16.89
CA VAL A 146 -12.61 -26.39 16.73
C VAL A 146 -13.01 -25.37 15.62
N PHE A 147 -12.04 -24.60 15.10
CA PHE A 147 -12.25 -23.61 14.02
C PHE A 147 -11.70 -24.10 12.65
N CYS A 148 -11.22 -25.34 12.58
CA CYS A 148 -10.63 -25.96 11.39
C CYS A 148 -11.48 -27.09 10.88
N PRO A 149 -11.53 -27.32 9.55
CA PRO A 149 -12.25 -28.51 9.05
C PRO A 149 -11.55 -29.79 9.52
N GLN A 150 -12.31 -30.80 9.91
CA GLN A 150 -11.75 -32.05 10.41
C GLN A 150 -11.17 -32.90 9.25
N GLU A 151 -11.89 -32.97 8.11
CA GLU A 151 -11.37 -33.66 6.92
C GLU A 151 -10.37 -32.72 6.23
N PRO A 152 -9.31 -33.25 5.58
CA PRO A 152 -8.37 -32.36 4.87
C PRO A 152 -9.05 -31.52 3.80
N ARG A 153 -8.71 -30.24 3.75
CA ARG A 153 -9.26 -29.32 2.78
C ARG A 153 -8.10 -28.52 2.25
N LEU A 154 -7.58 -28.91 1.08
CA LEU A 154 -6.40 -28.30 0.51
C LEU A 154 -6.66 -27.45 -0.70
N ALA A 155 -6.09 -26.25 -0.74
CA ALA A 155 -6.16 -25.38 -1.91
C ALA A 155 -5.30 -25.99 -3.03
N PHE A 156 -4.21 -26.70 -2.70
CA PHE A 156 -3.33 -27.37 -3.65
C PHE A 156 -3.32 -28.88 -3.35
N PRO A 157 -4.37 -29.59 -3.76
CA PRO A 157 -4.44 -31.02 -3.45
C PRO A 157 -3.48 -31.92 -4.22
N GLU A 158 -3.09 -31.55 -5.47
CA GLU A 158 -2.20 -32.32 -6.36
C GLU A 158 -1.17 -33.23 -5.67
N GLU A 159 -1.08 -34.49 -6.19
CA GLU A 159 -0.22 -35.62 -5.80
C GLU A 159 1.22 -35.20 -5.47
N ASN A 160 1.81 -34.33 -6.31
CA ASN A 160 3.14 -33.76 -6.15
C ASN A 160 3.02 -32.34 -6.70
N ASN A 161 2.81 -31.37 -5.80
CA ASN A 161 2.57 -29.99 -6.19
C ASN A 161 3.77 -29.04 -5.92
N ARG A 162 3.72 -27.83 -6.51
CA ARG A 162 4.73 -26.78 -6.46
C ARG A 162 4.97 -26.15 -5.07
N SER A 163 4.02 -26.31 -4.14
CA SER A 163 4.15 -25.72 -2.80
C SER A 163 4.91 -26.57 -1.80
N LEU A 164 5.22 -27.83 -2.13
CA LEU A 164 5.92 -28.73 -1.20
C LEU A 164 7.35 -29.11 -1.64
N LYS A 165 7.91 -28.41 -2.64
CA LYS A 165 9.26 -28.70 -3.13
C LYS A 165 10.30 -27.87 -2.40
N LYS A 166 11.50 -28.43 -2.18
CA LYS A 166 12.59 -27.73 -1.49
C LYS A 166 13.22 -26.66 -2.42
N ILE A 167 13.50 -25.45 -1.90
CA ILE A 167 14.11 -24.39 -2.70
C ILE A 167 15.62 -24.37 -2.48
N PRO A 168 16.42 -24.51 -3.56
CA PRO A 168 17.89 -24.48 -3.38
C PRO A 168 18.46 -23.08 -3.19
N LYS A 169 19.69 -22.99 -2.67
CA LYS A 169 20.35 -21.71 -2.45
C LYS A 169 21.09 -21.24 -3.70
N LEU A 170 20.79 -20.02 -4.13
CA LEU A 170 21.37 -19.36 -5.30
C LEU A 170 22.88 -19.25 -5.11
N GLU A 171 23.66 -19.55 -6.16
CA GLU A 171 25.11 -19.44 -6.09
C GLU A 171 25.62 -18.18 -6.80
N ASP A 172 26.68 -17.58 -6.27
CA ASP A 172 27.28 -16.38 -6.85
C ASP A 172 28.20 -16.73 -8.04
N PRO A 173 28.20 -15.96 -9.13
CA PRO A 173 27.46 -14.70 -9.32
C PRO A 173 25.99 -14.86 -9.77
N ALA A 174 25.12 -13.99 -9.23
CA ALA A 174 23.70 -13.97 -9.60
C ALA A 174 23.60 -13.33 -10.99
N GLN A 175 22.60 -13.74 -11.79
CA GLN A 175 22.43 -13.16 -13.12
C GLN A 175 21.97 -11.70 -13.03
N TYR A 176 21.01 -11.43 -12.13
CA TYR A 176 20.45 -10.11 -11.92
C TYR A 176 20.45 -9.75 -10.43
N SER A 177 20.45 -8.46 -10.11
CA SER A 177 20.41 -8.03 -8.72
C SER A 177 19.95 -6.59 -8.51
N MET A 178 19.27 -6.36 -7.39
CA MET A 178 18.85 -5.03 -6.96
C MET A 178 19.49 -4.88 -5.59
N ILE A 179 20.40 -3.94 -5.44
CA ILE A 179 21.19 -3.77 -4.22
C ILE A 179 20.76 -2.51 -3.45
N GLY A 180 20.97 -2.52 -2.13
CA GLY A 180 20.69 -1.40 -1.24
C GLY A 180 19.24 -1.11 -0.95
N LEU A 181 18.39 -2.15 -0.82
CA LEU A 181 16.94 -2.02 -0.54
C LEU A 181 16.64 -1.87 0.94
N LYS A 182 15.96 -0.78 1.34
CA LYS A 182 15.63 -0.51 2.73
C LYS A 182 14.13 -0.34 2.93
N PRO A 183 13.58 -0.85 4.05
CA PRO A 183 12.16 -0.59 4.33
C PRO A 183 11.91 0.83 4.84
N ARG A 184 10.77 1.43 4.49
CA ARG A 184 10.37 2.73 5.02
C ARG A 184 9.22 2.52 6.05
N ARG A 185 8.70 3.60 6.67
CA ARG A 185 7.64 3.45 7.65
C ARG A 185 6.36 2.83 7.08
N ALA A 186 6.09 3.02 5.77
CA ALA A 186 4.93 2.40 5.12
C ALA A 186 5.08 0.88 4.97
N ASP A 187 6.31 0.37 5.04
CA ASP A 187 6.59 -1.08 4.97
C ASP A 187 6.45 -1.78 6.33
N LEU A 188 6.23 -1.03 7.43
CA LEU A 188 6.11 -1.62 8.76
C LEU A 188 4.66 -1.84 9.14
N ASP A 189 4.40 -2.86 9.94
CA ASP A 189 3.05 -3.15 10.45
C ASP A 189 2.80 -2.40 11.79
N MET A 190 1.66 -2.64 12.45
CA MET A 190 1.30 -2.02 13.73
C MET A 190 2.31 -2.35 14.86
N ASN A 191 3.02 -3.49 14.77
CA ASN A 191 4.02 -3.92 15.77
C ASN A 191 5.46 -3.49 15.39
N GLN A 192 5.60 -2.63 14.36
CA GLN A 192 6.82 -2.07 13.82
C GLN A 192 7.77 -3.12 13.19
N HIS A 193 7.19 -4.25 12.74
CA HIS A 193 7.94 -5.27 12.04
C HIS A 193 7.71 -5.12 10.54
N VAL A 194 8.69 -5.48 9.69
CA VAL A 194 8.51 -5.37 8.24
C VAL A 194 7.40 -6.33 7.78
N ASN A 195 6.42 -5.79 7.04
CA ASN A 195 5.29 -6.56 6.53
C ASN A 195 5.78 -7.67 5.59
N ASN A 196 5.15 -8.86 5.66
CA ASN A 196 5.55 -10.03 4.87
C ASN A 196 5.46 -9.82 3.35
N VAL A 197 4.57 -8.91 2.92
CA VAL A 197 4.36 -8.59 1.51
C VAL A 197 5.56 -7.81 0.93
N THR A 198 6.28 -7.03 1.78
CA THR A 198 7.46 -6.26 1.38
C THR A 198 8.55 -7.14 0.81
N TYR A 199 8.76 -8.33 1.42
CA TYR A 199 9.75 -9.30 0.97
C TYR A 199 9.44 -9.84 -0.42
N ILE A 200 8.15 -9.99 -0.75
CA ILE A 200 7.68 -10.40 -2.08
C ILE A 200 8.06 -9.32 -3.11
N GLY A 201 7.87 -8.05 -2.73
CA GLY A 201 8.22 -6.91 -3.58
C GLY A 201 9.70 -6.82 -3.82
N TRP A 202 10.50 -7.01 -2.75
CA TRP A 202 11.96 -7.02 -2.79
C TRP A 202 12.48 -8.16 -3.66
N VAL A 203 11.87 -9.36 -3.58
CA VAL A 203 12.24 -10.49 -4.44
C VAL A 203 12.02 -10.11 -5.93
N LEU A 204 10.90 -9.46 -6.23
CA LEU A 204 10.56 -9.11 -7.59
C LEU A 204 11.35 -7.90 -8.15
N GLU A 205 12.05 -7.12 -7.30
CA GLU A 205 12.87 -5.97 -7.71
C GLU A 205 14.06 -6.35 -8.61
N SER A 206 14.56 -7.59 -8.47
CA SER A 206 15.68 -8.05 -9.28
C SER A 206 15.27 -8.74 -10.60
N ILE A 207 13.95 -8.91 -10.85
CA ILE A 207 13.47 -9.47 -12.12
C ILE A 207 13.69 -8.38 -13.18
N PRO A 208 14.35 -8.71 -14.29
CA PRO A 208 14.60 -7.70 -15.34
C PRO A 208 13.31 -7.09 -15.91
N GLN A 209 13.35 -5.79 -16.23
CA GLN A 209 12.22 -5.02 -16.75
C GLN A 209 11.54 -5.65 -17.97
N GLU A 210 12.34 -6.26 -18.85
CA GLU A 210 11.88 -6.90 -20.07
C GLU A 210 10.91 -8.03 -19.75
N ILE A 211 11.20 -8.81 -18.69
CA ILE A 211 10.33 -9.91 -18.26
C ILE A 211 9.03 -9.32 -17.76
N VAL A 212 9.09 -8.30 -16.92
CA VAL A 212 7.90 -7.63 -16.41
C VAL A 212 7.01 -7.07 -17.54
N ASP A 213 7.62 -6.56 -18.61
CA ASP A 213 6.95 -5.98 -19.77
C ASP A 213 6.33 -7.00 -20.76
N THR A 214 6.89 -8.22 -20.85
CA THR A 214 6.39 -9.22 -21.79
C THR A 214 5.74 -10.46 -21.16
N HIS A 215 5.87 -10.61 -19.84
CA HIS A 215 5.34 -11.76 -19.11
C HIS A 215 4.46 -11.33 -17.95
N GLU A 216 3.63 -12.27 -17.47
CA GLU A 216 2.78 -12.09 -16.30
C GLU A 216 3.21 -13.11 -15.26
N LEU A 217 3.27 -12.70 -13.99
CA LEU A 217 3.67 -13.61 -12.91
C LEU A 217 2.57 -14.66 -12.66
N GLN A 218 2.92 -15.94 -12.83
CA GLN A 218 1.94 -17.00 -12.60
C GLN A 218 2.09 -17.65 -11.23
N VAL A 219 3.30 -18.09 -10.86
CA VAL A 219 3.50 -18.74 -9.57
C VAL A 219 4.65 -18.08 -8.81
N ILE A 220 4.54 -18.00 -7.48
CA ILE A 220 5.58 -17.50 -6.58
C ILE A 220 5.59 -18.35 -5.32
N THR A 221 6.74 -18.90 -4.97
CA THR A 221 6.91 -19.69 -3.75
C THR A 221 8.01 -18.99 -2.96
N LEU A 222 7.74 -18.58 -1.71
CA LEU A 222 8.72 -17.85 -0.93
C LEU A 222 8.95 -18.45 0.48
N ASP A 223 10.22 -18.76 0.83
CA ASP A 223 10.64 -19.24 2.15
C ASP A 223 11.09 -18.04 3.01
N TYR A 224 10.64 -17.96 4.26
CA TYR A 224 10.99 -16.90 5.19
C TYR A 224 11.96 -17.47 6.24
N ARG A 225 13.26 -17.27 6.06
CA ARG A 225 14.29 -17.82 6.94
C ARG A 225 14.62 -16.90 8.11
N ARG A 226 14.59 -15.60 7.87
CA ARG A 226 14.96 -14.59 8.86
C ARG A 226 14.25 -13.28 8.56
N GLU A 227 14.01 -12.52 9.60
CA GLU A 227 13.35 -11.22 9.53
C GLU A 227 14.35 -10.07 9.26
N CYS A 228 13.97 -9.13 8.39
CA CYS A 228 14.78 -7.95 8.12
C CYS A 228 14.32 -6.91 9.14
N GLN A 229 15.27 -6.36 9.89
CA GLN A 229 14.95 -5.35 10.87
C GLN A 229 14.76 -3.99 10.20
N GLN A 230 14.08 -3.07 10.88
CA GLN A 230 13.79 -1.72 10.43
C GLN A 230 15.06 -1.00 9.88
N ASP A 231 16.21 -1.21 10.54
CA ASP A 231 17.48 -0.58 10.15
C ASP A 231 18.44 -1.51 9.32
N ASP A 232 17.90 -2.59 8.75
CA ASP A 232 18.70 -3.48 7.90
C ASP A 232 18.59 -3.06 6.41
N VAL A 233 19.60 -3.43 5.62
CA VAL A 233 19.66 -3.19 4.17
C VAL A 233 19.70 -4.55 3.47
N VAL A 234 18.92 -4.71 2.41
CA VAL A 234 18.76 -5.97 1.70
C VAL A 234 19.27 -5.93 0.26
N ASP A 235 19.80 -7.07 -0.22
CA ASP A 235 20.22 -7.28 -1.60
C ASP A 235 19.29 -8.37 -2.17
N SER A 236 18.71 -8.12 -3.35
CA SER A 236 17.81 -9.06 -4.02
C SER A 236 18.54 -9.69 -5.24
N LEU A 237 18.69 -11.03 -5.27
CA LEU A 237 19.42 -11.72 -6.34
C LEU A 237 18.50 -12.65 -7.17
N THR A 238 18.70 -12.75 -8.48
CA THR A 238 17.87 -13.58 -9.36
C THR A 238 18.69 -14.24 -10.46
N THR A 239 18.42 -15.52 -10.76
CA THR A 239 19.05 -16.24 -11.85
C THR A 239 17.96 -17.02 -12.61
N THR A 240 17.98 -17.01 -13.95
CA THR A 240 17.02 -17.76 -14.74
C THR A 240 17.36 -19.24 -14.62
N THR A 241 16.40 -20.09 -14.23
CA THR A 241 16.66 -21.54 -14.15
C THR A 241 16.04 -22.34 -15.30
N SER A 242 15.33 -21.68 -16.23
CA SER A 242 14.74 -22.38 -17.37
C SER A 242 15.67 -22.37 -18.62
N ASN A 259 8.20 -21.57 -23.69
CA ASN A 259 7.12 -20.59 -23.53
C ASN A 259 7.05 -20.00 -22.10
N ASP A 260 7.63 -20.70 -21.09
CA ASP A 260 7.63 -20.20 -19.71
C ASP A 260 9.02 -19.80 -19.24
N SER A 261 9.10 -18.88 -18.24
CA SER A 261 10.36 -18.42 -17.67
C SER A 261 10.39 -18.68 -16.15
N GLN A 262 11.42 -19.36 -15.66
CA GLN A 262 11.54 -19.67 -14.24
C GLN A 262 12.78 -19.02 -13.66
N PHE A 263 12.71 -18.62 -12.39
CA PHE A 263 13.82 -17.96 -11.73
C PHE A 263 14.03 -18.46 -10.32
N LEU A 264 15.27 -18.45 -9.86
CA LEU A 264 15.63 -18.74 -8.49
C LEU A 264 15.98 -17.39 -7.85
N HIS A 265 15.49 -17.15 -6.63
CA HIS A 265 15.67 -15.88 -5.94
C HIS A 265 16.37 -16.00 -4.60
N LEU A 266 17.04 -14.93 -4.16
CA LEU A 266 17.70 -14.90 -2.87
C LEU A 266 17.71 -13.48 -2.27
N LEU A 267 17.15 -13.32 -1.07
CA LEU A 267 17.21 -12.06 -0.33
C LEU A 267 18.25 -12.27 0.78
N ARG A 268 19.20 -11.35 0.90
CA ARG A 268 20.24 -11.46 1.92
C ARG A 268 20.69 -10.09 2.39
N LEU A 269 21.21 -10.00 3.63
CA LEU A 269 21.66 -8.73 4.19
C LEU A 269 22.84 -8.22 3.40
N SER A 270 22.81 -6.93 3.00
CA SER A 270 23.86 -6.37 2.15
C SER A 270 25.23 -6.35 2.79
N GLY A 271 25.29 -6.40 4.11
CA GLY A 271 26.57 -6.47 4.81
C GLY A 271 27.17 -7.86 4.77
N ASP A 272 26.90 -8.66 5.81
CA ASP A 272 27.42 -10.02 6.02
C ASP A 272 26.91 -11.08 5.02
N GLY A 273 25.85 -10.78 4.28
CA GLY A 273 25.29 -11.74 3.34
C GLY A 273 24.47 -12.82 4.00
N GLN A 274 23.89 -12.51 5.18
CA GLN A 274 23.04 -13.38 5.96
C GLN A 274 21.73 -13.56 5.21
N GLU A 275 21.29 -14.81 5.00
CA GLU A 275 20.07 -15.08 4.26
C GLU A 275 18.81 -14.69 5.03
N ILE A 276 17.87 -14.02 4.35
CA ILE A 276 16.60 -13.68 4.96
C ILE A 276 15.47 -14.44 4.23
N ASN A 277 15.56 -14.58 2.89
CA ASN A 277 14.56 -15.29 2.10
C ASN A 277 15.17 -15.99 0.90
N ARG A 278 14.49 -17.02 0.42
CA ARG A 278 14.81 -17.71 -0.82
C ARG A 278 13.47 -18.10 -1.50
N GLY A 279 13.44 -18.10 -2.82
CA GLY A 279 12.20 -18.40 -3.53
C GLY A 279 12.32 -18.70 -5.00
N THR A 280 11.18 -18.99 -5.64
CA THR A 280 11.10 -19.28 -7.06
C THR A 280 9.89 -18.57 -7.66
N THR A 281 10.01 -18.15 -8.92
CA THR A 281 8.89 -17.56 -9.64
C THR A 281 8.75 -18.23 -11.02
N LEU A 282 7.52 -18.32 -11.51
CA LEU A 282 7.22 -18.86 -12.84
C LEU A 282 6.41 -17.78 -13.57
N TRP A 283 6.83 -17.42 -14.80
CA TRP A 283 6.15 -16.37 -15.55
C TRP A 283 5.66 -16.91 -16.89
N ARG A 284 4.51 -16.44 -17.37
CA ARG A 284 4.02 -16.88 -18.68
C ARG A 284 3.89 -15.70 -19.63
N LYS A 285 4.16 -15.94 -20.91
CA LYS A 285 4.12 -14.91 -21.95
C LYS A 285 2.71 -14.35 -22.07
N LYS A 286 2.57 -13.02 -22.19
CA LYS A 286 1.27 -12.39 -22.33
C LYS A 286 0.58 -12.73 -23.65
N GLY B 2 -18.84 4.05 -4.30
CA GLY B 2 -19.55 5.24 -3.85
C GLY B 2 -20.52 5.76 -4.90
N SER B 3 -20.88 7.05 -4.80
CA SER B 3 -21.81 7.63 -5.75
C SER B 3 -21.77 9.15 -5.73
N LEU B 4 -22.17 9.78 -6.85
CA LEU B 4 -22.33 11.24 -6.93
C LEU B 4 -23.53 11.62 -6.04
N THR B 5 -23.45 12.77 -5.38
CA THR B 5 -24.55 13.24 -4.52
C THR B 5 -25.81 13.60 -5.35
N GLU B 6 -26.90 14.04 -4.70
CA GLU B 6 -28.15 14.39 -5.35
C GLU B 6 -28.00 15.42 -6.47
N ASP B 7 -27.14 16.43 -6.26
CA ASP B 7 -26.95 17.48 -7.27
C ASP B 7 -25.91 17.16 -8.36
N GLY B 8 -25.23 16.02 -8.25
CA GLY B 8 -24.21 15.60 -9.20
C GLY B 8 -22.98 16.50 -9.25
N LEU B 9 -22.81 17.36 -8.22
CA LEU B 9 -21.68 18.30 -8.15
C LEU B 9 -20.57 17.89 -7.17
N SER B 10 -20.71 16.72 -6.51
CA SER B 10 -19.72 16.14 -5.60
C SER B 10 -19.88 14.60 -5.52
N TYR B 11 -18.87 13.90 -5.01
CA TYR B 11 -18.89 12.43 -4.95
C TYR B 11 -18.62 11.94 -3.53
N LYS B 12 -19.32 10.87 -3.08
CA LYS B 12 -19.12 10.31 -1.75
C LYS B 12 -18.76 8.84 -1.79
N GLU B 13 -17.86 8.39 -0.91
CA GLU B 13 -17.49 6.99 -0.83
C GLU B 13 -17.12 6.59 0.60
N LYS B 14 -17.46 5.35 0.97
CA LYS B 14 -17.18 4.82 2.29
C LYS B 14 -16.07 3.79 2.20
N PHE B 15 -15.15 3.82 3.16
CA PHE B 15 -14.02 2.91 3.19
C PHE B 15 -13.89 2.26 4.55
N VAL B 16 -13.62 0.96 4.59
CA VAL B 16 -13.34 0.30 5.87
C VAL B 16 -11.82 0.28 5.97
N VAL B 17 -11.27 0.62 7.15
CA VAL B 17 -9.82 0.63 7.33
C VAL B 17 -9.30 -0.81 7.48
N ARG B 18 -8.34 -1.19 6.61
CA ARG B 18 -7.73 -2.53 6.56
C ARG B 18 -6.57 -2.72 7.53
N SER B 19 -6.30 -3.97 7.90
CA SER B 19 -5.25 -4.37 8.82
C SER B 19 -3.87 -3.90 8.40
N TYR B 20 -3.56 -3.96 7.09
CA TYR B 20 -2.26 -3.51 6.58
C TYR B 20 -2.17 -1.98 6.35
N GLU B 21 -3.29 -1.26 6.56
CA GLU B 21 -3.35 0.18 6.37
C GLU B 21 -3.10 0.99 7.64
N VAL B 22 -2.82 0.34 8.79
CA VAL B 22 -2.63 1.04 10.07
C VAL B 22 -1.16 1.07 10.55
N GLY B 23 -0.86 2.05 11.41
CA GLY B 23 0.47 2.21 11.99
C GLY B 23 0.58 1.67 13.40
N SER B 24 1.67 2.06 14.11
CA SER B 24 1.98 1.60 15.47
C SER B 24 0.92 1.95 16.53
N ASN B 25 0.10 2.96 16.26
CA ASN B 25 -0.96 3.37 17.20
C ASN B 25 -2.36 2.83 16.79
N LYS B 26 -2.38 1.71 16.01
CA LYS B 26 -3.59 1.00 15.56
C LYS B 26 -4.58 1.86 14.76
N THR B 27 -4.12 2.98 14.19
CA THR B 27 -4.95 3.86 13.35
C THR B 27 -4.30 4.04 11.97
N ALA B 28 -5.12 4.43 10.97
CA ALA B 28 -4.66 4.65 9.61
C ALA B 28 -3.52 5.66 9.54
N THR B 29 -2.56 5.44 8.62
CA THR B 29 -1.45 6.38 8.47
C THR B 29 -1.89 7.51 7.51
N VAL B 30 -1.14 8.62 7.46
CA VAL B 30 -1.47 9.70 6.52
C VAL B 30 -1.30 9.22 5.06
N GLU B 31 -0.45 8.22 4.82
CA GLU B 31 -0.28 7.64 3.51
C GLU B 31 -1.51 6.83 3.13
N THR B 32 -2.14 6.12 4.11
CA THR B 32 -3.40 5.40 3.85
C THR B 32 -4.49 6.41 3.48
N ILE B 33 -4.60 7.52 4.24
CA ILE B 33 -5.57 8.58 3.97
C ILE B 33 -5.37 9.14 2.56
N ALA B 34 -4.13 9.53 2.21
CA ALA B 34 -3.78 10.08 0.89
C ALA B 34 -4.12 9.15 -0.26
N ASN B 35 -4.00 7.83 -0.03
CA ASN B 35 -4.36 6.79 -1.00
C ASN B 35 -5.88 6.75 -1.18
N LEU B 36 -6.65 6.85 -0.08
CA LEU B 36 -8.12 6.86 -0.14
C LEU B 36 -8.65 8.11 -0.83
N LEU B 37 -7.99 9.27 -0.67
CA LEU B 37 -8.40 10.51 -1.37
C LEU B 37 -8.17 10.37 -2.87
N GLN B 38 -7.07 9.75 -3.25
CA GLN B 38 -6.70 9.50 -4.62
C GLN B 38 -7.71 8.56 -5.28
N GLU B 39 -8.10 7.49 -4.56
CA GLU B 39 -9.10 6.52 -4.99
C GLU B 39 -10.49 7.17 -5.18
N VAL B 40 -10.94 7.98 -4.21
CA VAL B 40 -12.25 8.62 -4.33
C VAL B 40 -12.22 9.70 -5.44
N GLY B 41 -11.07 10.33 -5.69
CA GLY B 41 -10.93 11.28 -6.80
C GLY B 41 -11.04 10.61 -8.15
N CYS B 42 -10.52 9.38 -8.26
CA CYS B 42 -10.57 8.55 -9.46
C CYS B 42 -11.98 8.14 -9.75
N ASN B 43 -12.70 7.69 -8.73
CA ASN B 43 -14.08 7.25 -8.89
C ASN B 43 -15.01 8.40 -9.27
N HIS B 44 -14.71 9.63 -8.81
CA HIS B 44 -15.47 10.83 -9.15
C HIS B 44 -15.26 11.13 -10.64
N ALA B 45 -14.00 11.11 -11.10
CA ALA B 45 -13.64 11.33 -12.51
C ALA B 45 -14.26 10.27 -13.44
N GLN B 46 -14.39 9.02 -12.97
CA GLN B 46 -14.99 7.97 -13.78
C GLN B 46 -16.50 8.14 -13.86
N SER B 47 -17.13 8.53 -12.76
CA SER B 47 -18.58 8.69 -12.72
C SER B 47 -19.12 9.78 -13.64
N VAL B 48 -18.24 10.67 -14.17
CA VAL B 48 -18.68 11.73 -15.07
C VAL B 48 -17.97 11.71 -16.44
N GLY B 49 -17.28 10.63 -16.76
CA GLY B 49 -16.66 10.47 -18.08
C GLY B 49 -15.22 10.87 -18.34
N PHE B 50 -14.50 11.37 -17.33
CA PHE B 50 -13.09 11.75 -17.53
C PHE B 50 -12.17 10.50 -17.54
N SER B 51 -10.88 10.67 -17.92
CA SER B 51 -9.93 9.57 -17.87
C SER B 51 -9.70 9.13 -16.42
N THR B 52 -9.21 7.90 -16.23
CA THR B 52 -9.02 7.37 -14.90
C THR B 52 -7.58 6.96 -14.56
N ASP B 53 -6.62 7.37 -15.40
CA ASP B 53 -5.18 7.11 -15.21
C ASP B 53 -4.50 8.05 -14.18
N GLY B 54 -5.29 8.87 -13.50
CA GLY B 54 -4.78 9.87 -12.57
C GLY B 54 -4.64 11.25 -13.18
N PHE B 55 -4.86 11.38 -14.51
CA PHE B 55 -4.73 12.67 -15.18
C PHE B 55 -6.05 13.40 -15.45
N ALA B 56 -7.20 12.72 -15.28
CA ALA B 56 -8.56 13.25 -15.46
C ALA B 56 -8.70 14.12 -16.72
N THR B 57 -8.34 13.54 -17.87
CA THR B 57 -8.34 14.24 -19.13
C THR B 57 -9.63 14.10 -19.93
N THR B 58 -9.87 15.05 -20.83
CA THR B 58 -10.98 15.06 -21.78
C THR B 58 -10.42 14.61 -23.14
N THR B 59 -11.30 14.27 -24.12
CA THR B 59 -10.83 13.89 -25.47
C THR B 59 -9.99 15.04 -26.08
N THR B 60 -10.39 16.29 -25.82
CA THR B 60 -9.64 17.47 -26.28
C THR B 60 -8.23 17.49 -25.66
N MET B 61 -8.11 17.26 -24.34
CA MET B 61 -6.83 17.22 -23.66
C MET B 61 -5.96 16.06 -24.15
N ARG B 62 -6.57 14.92 -24.51
CA ARG B 62 -5.83 13.77 -25.00
C ARG B 62 -5.18 14.03 -26.36
N LYS B 63 -5.91 14.71 -27.25
CA LYS B 63 -5.42 15.05 -28.59
C LYS B 63 -4.24 16.04 -28.53
N LEU B 64 -4.25 16.92 -27.53
CA LEU B 64 -3.19 17.91 -27.36
C LEU B 64 -2.04 17.44 -26.43
N HIS B 65 -2.10 16.19 -25.94
CA HIS B 65 -1.11 15.60 -25.04
C HIS B 65 -1.01 16.38 -23.74
N LEU B 66 -2.15 16.80 -23.21
CA LEU B 66 -2.27 17.59 -21.99
C LEU B 66 -2.80 16.78 -20.83
N ILE B 67 -2.16 16.88 -19.66
CA ILE B 67 -2.60 16.19 -18.44
C ILE B 67 -2.70 17.17 -17.23
N TRP B 68 -3.34 16.72 -16.13
CA TRP B 68 -3.44 17.49 -14.90
C TRP B 68 -2.39 16.91 -13.96
N VAL B 69 -1.58 17.76 -13.34
CA VAL B 69 -0.54 17.32 -12.41
C VAL B 69 -0.70 18.03 -11.05
N THR B 70 -0.46 17.33 -9.93
CA THR B 70 -0.58 17.96 -8.61
C THR B 70 0.60 18.92 -8.41
N ALA B 71 0.32 20.16 -8.02
CA ALA B 71 1.36 21.13 -7.71
C ALA B 71 1.49 21.25 -6.15
N ARG B 72 0.36 21.14 -5.43
CA ARG B 72 0.34 21.24 -3.97
C ARG B 72 -0.76 20.33 -3.35
N MET B 73 -0.46 19.74 -2.20
CA MET B 73 -1.36 18.89 -1.43
C MET B 73 -1.35 19.42 0.00
N HIS B 74 -2.51 19.52 0.62
CA HIS B 74 -2.59 20.01 2.00
C HIS B 74 -3.55 19.12 2.74
N ILE B 75 -3.11 18.50 3.84
CA ILE B 75 -3.97 17.60 4.60
C ILE B 75 -3.96 17.91 6.09
N GLU B 76 -5.15 17.99 6.71
N GLU B 76 -5.15 17.99 6.70
N GLU B 76 -5.15 17.99 6.71
CA GLU B 76 -5.25 18.22 8.15
CA GLU B 76 -5.29 18.22 8.14
CA GLU B 76 -5.25 18.22 8.15
C GLU B 76 -6.12 17.14 8.76
C GLU B 76 -6.12 17.10 8.73
C GLU B 76 -6.12 17.14 8.76
N ILE B 77 -5.55 16.31 9.64
CA ILE B 77 -6.27 15.21 10.28
C ILE B 77 -6.49 15.50 11.75
N TYR B 78 -7.74 15.38 12.22
CA TYR B 78 -8.13 15.58 13.62
C TYR B 78 -8.17 14.22 14.33
N LYS B 79 -8.63 13.18 13.64
CA LYS B 79 -8.71 11.83 14.20
C LYS B 79 -8.44 10.81 13.11
N TYR B 80 -7.46 9.94 13.32
CA TYR B 80 -7.15 8.90 12.36
C TYR B 80 -8.08 7.72 12.64
N PRO B 81 -8.78 7.21 11.63
CA PRO B 81 -9.70 6.08 11.86
C PRO B 81 -8.99 4.79 12.26
N ALA B 82 -9.57 4.06 13.22
CA ALA B 82 -9.01 2.77 13.66
C ALA B 82 -9.34 1.68 12.63
N TRP B 83 -8.61 0.55 12.64
CA TRP B 83 -8.90 -0.48 11.63
C TRP B 83 -10.22 -1.14 11.97
N GLY B 84 -11.02 -1.30 10.94
CA GLY B 84 -12.40 -1.76 11.08
C GLY B 84 -13.39 -0.62 11.02
N ASP B 85 -12.94 0.63 11.31
CA ASP B 85 -13.80 1.81 11.29
C ASP B 85 -14.14 2.22 9.86
N VAL B 86 -15.37 2.69 9.64
CA VAL B 86 -15.78 3.17 8.33
C VAL B 86 -15.62 4.69 8.25
N VAL B 87 -14.89 5.15 7.23
CA VAL B 87 -14.65 6.57 7.01
C VAL B 87 -15.36 6.98 5.72
N GLU B 88 -16.10 8.11 5.75
CA GLU B 88 -16.79 8.58 4.56
C GLU B 88 -16.11 9.83 4.02
N ILE B 89 -15.69 9.80 2.74
CA ILE B 89 -15.01 10.93 2.12
C ILE B 89 -15.87 11.57 1.03
N GLU B 90 -16.07 12.90 1.11
CA GLU B 90 -16.79 13.67 0.10
C GLU B 90 -15.80 14.55 -0.67
N THR B 91 -15.80 14.46 -1.99
CA THR B 91 -14.87 15.23 -2.81
C THR B 91 -15.56 16.03 -3.92
N TRP B 92 -14.96 17.15 -4.30
CA TRP B 92 -15.47 18.00 -5.35
C TRP B 92 -14.35 18.79 -6.01
N CYS B 93 -14.59 19.26 -7.22
CA CYS B 93 -13.62 20.08 -7.94
C CYS B 93 -14.11 21.50 -8.08
N GLN B 94 -13.18 22.44 -8.24
CA GLN B 94 -13.51 23.83 -8.42
C GLN B 94 -12.48 24.45 -9.34
N SER B 95 -12.93 25.29 -10.27
CA SER B 95 -12.03 25.97 -11.19
C SER B 95 -11.36 27.16 -10.49
N GLU B 96 -10.06 27.38 -10.75
CA GLU B 96 -9.31 28.51 -10.18
C GLU B 96 -8.82 29.42 -11.31
N GLY B 97 -9.71 29.69 -12.25
CA GLY B 97 -9.45 30.53 -13.41
C GLY B 97 -8.50 29.87 -14.39
N ARG B 98 -7.53 30.64 -14.88
CA ARG B 98 -6.54 30.15 -15.83
C ARG B 98 -5.38 29.42 -15.14
N ILE B 99 -5.20 29.61 -13.81
CA ILE B 99 -4.13 29.00 -13.03
C ILE B 99 -4.26 27.47 -13.04
N GLY B 100 -5.47 26.99 -12.80
CA GLY B 100 -5.73 25.56 -12.78
C GLY B 100 -7.02 25.17 -12.12
N THR B 101 -6.97 24.01 -11.49
CA THR B 101 -8.09 23.37 -10.83
C THR B 101 -7.76 23.11 -9.35
N ARG B 102 -8.80 22.92 -8.54
CA ARG B 102 -8.63 22.58 -7.14
C ARG B 102 -9.54 21.38 -6.81
N ARG B 103 -9.02 20.38 -6.07
CA ARG B 103 -9.85 19.29 -5.60
C ARG B 103 -9.83 19.33 -4.08
N ASP B 104 -11.02 19.30 -3.45
CA ASP B 104 -11.15 19.33 -1.99
C ASP B 104 -11.79 18.06 -1.44
N TRP B 105 -11.46 17.71 -0.21
CA TRP B 105 -11.99 16.51 0.44
C TRP B 105 -12.41 16.81 1.87
N ILE B 106 -13.43 16.11 2.35
CA ILE B 106 -13.92 16.18 3.72
C ILE B 106 -13.99 14.73 4.19
N LEU B 107 -13.33 14.41 5.31
N LEU B 107 -13.34 14.41 5.30
N LEU B 107 -13.33 14.41 5.31
CA LEU B 107 -13.35 13.07 5.87
CA LEU B 107 -13.36 13.08 5.87
CA LEU B 107 -13.35 13.07 5.87
C LEU B 107 -14.25 13.06 7.09
C LEU B 107 -14.26 13.06 7.09
C LEU B 107 -14.25 13.06 7.09
N LYS B 108 -15.13 12.06 7.19
CA LYS B 108 -16.05 11.97 8.32
C LYS B 108 -16.10 10.57 8.92
N ASP B 109 -16.52 10.48 10.18
CA ASP B 109 -16.76 9.22 10.87
C ASP B 109 -18.17 8.82 10.43
N SER B 110 -18.33 7.60 9.92
CA SER B 110 -19.64 7.15 9.46
C SER B 110 -20.63 7.00 10.63
N VAL B 111 -20.14 6.58 11.80
CA VAL B 111 -21.00 6.37 12.96
C VAL B 111 -21.45 7.68 13.63
N THR B 112 -20.54 8.61 13.88
CA THR B 112 -20.88 9.86 14.56
C THR B 112 -21.24 11.01 13.59
N GLY B 113 -20.73 10.95 12.37
CA GLY B 113 -20.97 12.00 11.36
C GLY B 113 -20.07 13.21 11.51
N GLU B 114 -19.12 13.18 12.47
CA GLU B 114 -18.22 14.29 12.73
C GLU B 114 -17.09 14.35 11.73
N VAL B 115 -16.61 15.56 11.44
CA VAL B 115 -15.50 15.76 10.52
C VAL B 115 -14.19 15.35 11.20
N THR B 116 -13.53 14.30 10.72
CA THR B 116 -12.27 13.85 11.32
C THR B 116 -11.02 14.29 10.53
N GLY B 117 -11.22 14.93 9.39
CA GLY B 117 -10.14 15.40 8.55
C GLY B 117 -10.61 16.17 7.34
N ARG B 118 -9.69 16.87 6.67
N ARG B 118 -9.69 16.87 6.67
N ARG B 118 -9.69 16.87 6.67
CA ARG B 118 -10.00 17.62 5.46
CA ARG B 118 -10.00 17.62 5.46
CA ARG B 118 -10.00 17.61 5.46
C ARG B 118 -8.75 17.87 4.64
C ARG B 118 -8.75 17.87 4.64
C ARG B 118 -8.73 17.85 4.64
N ALA B 119 -8.89 17.87 3.32
CA ALA B 119 -7.75 18.08 2.42
C ALA B 119 -8.08 19.01 1.26
N THR B 120 -7.06 19.63 0.69
CA THR B 120 -7.21 20.47 -0.49
C THR B 120 -5.98 20.26 -1.39
N SER B 121 -6.14 20.40 -2.70
CA SER B 121 -5.02 20.22 -3.62
C SER B 121 -5.11 21.15 -4.83
N LYS B 122 -3.97 21.63 -5.32
CA LYS B 122 -3.92 22.49 -6.49
C LYS B 122 -3.34 21.72 -7.67
N TRP B 123 -4.03 21.75 -8.81
CA TRP B 123 -3.59 21.02 -9.99
C TRP B 123 -3.31 21.98 -11.13
N VAL B 124 -2.21 21.76 -11.84
CA VAL B 124 -1.86 22.60 -12.99
C VAL B 124 -1.91 21.75 -14.27
N MET B 125 -2.14 22.40 -15.42
CA MET B 125 -2.19 21.67 -16.68
C MET B 125 -0.81 21.71 -17.35
N MET B 126 -0.34 20.55 -17.85
CA MET B 126 0.96 20.49 -18.52
C MET B 126 0.99 19.52 -19.69
N ASN B 127 1.95 19.69 -20.58
CA ASN B 127 2.12 18.79 -21.71
C ASN B 127 2.86 17.57 -21.18
N GLN B 128 2.32 16.37 -21.40
CA GLN B 128 2.90 15.13 -20.89
C GLN B 128 4.31 14.85 -21.40
N ASP B 129 4.64 15.34 -22.61
CA ASP B 129 5.93 15.11 -23.27
C ASP B 129 6.99 16.16 -22.94
N THR B 130 6.69 17.45 -23.18
CA THR B 130 7.65 18.52 -22.91
C THR B 130 7.76 18.87 -21.44
N ARG B 131 6.74 18.46 -20.62
CA ARG B 131 6.61 18.74 -19.19
C ARG B 131 6.45 20.23 -18.92
N ARG B 132 5.86 20.94 -19.86
CA ARG B 132 5.71 22.38 -19.77
C ARG B 132 4.64 22.79 -18.74
N LEU B 133 3.82 23.82 -19.00
CA LEU B 133 2.79 24.29 -18.09
C LEU B 133 1.97 25.26 -18.89
N GLN B 134 0.66 25.03 -18.93
CA GLN B 134 -0.23 25.84 -19.75
C GLN B 134 -1.39 26.40 -18.95
N LYS B 135 -1.82 27.60 -19.33
CA LYS B 135 -2.98 28.30 -18.80
C LYS B 135 -4.21 27.48 -19.23
N VAL B 136 -5.23 27.34 -18.37
CA VAL B 136 -6.44 26.60 -18.72
C VAL B 136 -7.15 27.30 -19.87
N SER B 137 -6.97 26.77 -21.09
CA SER B 137 -7.51 27.35 -22.32
C SER B 137 -9.03 27.38 -22.38
N ASP B 138 -9.57 28.33 -23.14
CA ASP B 138 -10.99 28.40 -23.36
C ASP B 138 -11.29 27.33 -24.41
N ASP B 139 -12.06 26.32 -24.01
CA ASP B 139 -12.53 25.10 -24.68
C ASP B 139 -12.41 23.93 -23.68
N VAL B 140 -11.27 23.87 -22.96
CA VAL B 140 -10.99 22.86 -21.96
C VAL B 140 -11.79 23.11 -20.68
N ARG B 141 -11.87 24.37 -20.24
CA ARG B 141 -12.61 24.71 -19.02
C ARG B 141 -14.11 24.51 -19.14
N ASP B 142 -14.71 24.82 -20.30
CA ASP B 142 -16.14 24.59 -20.50
C ASP B 142 -16.52 23.10 -20.44
N GLU B 143 -15.55 22.20 -20.64
CA GLU B 143 -15.82 20.77 -20.57
C GLU B 143 -15.92 20.26 -19.15
N TYR B 144 -15.27 20.92 -18.17
CA TYR B 144 -15.31 20.42 -16.78
C TYR B 144 -16.13 21.30 -15.83
N LEU B 145 -16.47 22.53 -16.21
CA LEU B 145 -17.22 23.45 -15.36
C LEU B 145 -18.62 22.98 -14.99
N VAL B 146 -19.26 22.20 -15.86
CA VAL B 146 -20.60 21.66 -15.59
C VAL B 146 -20.62 20.58 -14.47
N PHE B 147 -19.43 20.10 -14.04
CA PHE B 147 -19.28 19.12 -12.96
C PHE B 147 -18.77 19.74 -11.62
N CYS B 148 -18.64 21.08 -11.57
CA CYS B 148 -18.15 21.83 -10.43
C CYS B 148 -19.25 22.70 -9.85
N PRO B 149 -19.27 22.93 -8.52
CA PRO B 149 -20.24 23.87 -7.96
C PRO B 149 -19.95 25.30 -8.48
N GLN B 150 -20.99 26.06 -8.79
CA GLN B 150 -20.82 27.41 -9.32
C GLN B 150 -20.40 28.39 -8.21
N GLU B 151 -21.01 28.29 -7.03
CA GLU B 151 -20.61 29.11 -5.88
C GLU B 151 -19.36 28.47 -5.25
N PRO B 152 -18.44 29.28 -4.68
CA PRO B 152 -17.24 28.69 -4.07
C PRO B 152 -17.57 27.70 -2.96
N ARG B 153 -16.90 26.56 -2.97
CA ARG B 153 -17.11 25.54 -1.94
C ARG B 153 -15.72 25.09 -1.50
N LEU B 154 -15.25 25.63 -0.38
CA LEU B 154 -13.91 25.37 0.09
C LEU B 154 -13.84 24.50 1.31
N ALA B 155 -12.96 23.49 1.29
CA ALA B 155 -12.70 22.66 2.46
C ALA B 155 -11.96 23.49 3.52
N PHE B 156 -11.12 24.46 3.10
CA PHE B 156 -10.39 25.37 3.98
C PHE B 156 -10.81 26.81 3.69
N PRO B 157 -11.98 27.23 4.18
CA PRO B 157 -12.45 28.58 3.88
C PRO B 157 -11.71 29.73 4.56
N GLU B 158 -11.14 29.52 5.76
CA GLU B 158 -10.39 30.54 6.54
C GLU B 158 -9.65 31.62 5.67
N GLU B 159 -10.01 32.93 5.76
CA GLU B 159 -9.37 33.97 4.90
C GLU B 159 -7.86 34.04 5.12
N ASN B 160 -7.08 33.45 4.18
CA ASN B 160 -5.63 33.27 4.21
C ASN B 160 -5.28 32.31 5.36
N ASN B 161 -5.08 31.02 5.03
CA ASN B 161 -4.84 29.93 5.99
C ASN B 161 -3.54 29.11 5.71
N ARG B 162 -3.42 27.88 6.29
CA ARG B 162 -2.22 27.04 6.14
C ARG B 162 -1.97 26.50 4.74
N SER B 163 -3.00 26.41 3.89
CA SER B 163 -2.85 25.86 2.54
C SER B 163 -2.43 26.87 1.47
N LEU B 164 -2.43 28.17 1.80
CA LEU B 164 -2.07 29.21 0.82
C LEU B 164 -0.76 29.96 1.16
N LYS B 165 0.04 29.45 2.11
CA LYS B 165 1.29 30.11 2.50
C LYS B 165 2.47 29.58 1.68
N LYS B 166 3.44 30.45 1.37
CA LYS B 166 4.63 30.06 0.60
C LYS B 166 5.59 29.21 1.46
N ILE B 167 6.14 28.10 0.91
CA ILE B 167 7.07 27.26 1.66
C ILE B 167 8.52 27.65 1.33
N PRO B 168 9.34 28.02 2.34
CA PRO B 168 10.73 28.38 2.06
C PRO B 168 11.65 27.19 1.81
N LYS B 169 12.82 27.43 1.19
CA LYS B 169 13.78 26.38 0.91
C LYS B 169 14.72 26.15 2.09
N LEU B 170 14.79 24.89 2.54
CA LEU B 170 15.62 24.44 3.64
C LEU B 170 17.08 24.74 3.34
N GLU B 171 17.83 25.24 4.33
CA GLU B 171 19.24 25.53 4.16
C GLU B 171 20.12 24.47 4.82
N ASP B 172 21.26 24.17 4.20
CA ASP B 172 22.21 23.18 4.71
C ASP B 172 23.07 23.80 5.82
N PRO B 173 23.38 23.06 6.91
CA PRO B 173 23.02 21.65 7.14
C PRO B 173 21.61 21.42 7.70
N ALA B 174 20.97 20.34 7.23
CA ALA B 174 19.65 19.93 7.71
C ALA B 174 19.83 19.31 9.11
N GLN B 175 18.82 19.43 9.97
CA GLN B 175 18.92 18.85 11.31
C GLN B 175 18.86 17.32 11.25
N TYR B 176 17.96 16.79 10.41
CA TYR B 176 17.76 15.36 10.23
C TYR B 176 17.74 15.00 8.74
N SER B 177 18.06 13.75 8.41
CA SER B 177 18.04 13.31 7.01
C SER B 177 17.98 11.81 6.82
N MET B 178 17.32 11.39 5.74
CA MET B 178 17.25 10.00 5.34
C MET B 178 17.80 10.01 3.92
N ILE B 179 18.95 9.36 3.70
CA ILE B 179 19.61 9.40 2.40
C ILE B 179 19.51 8.06 1.66
N GLY B 180 19.59 8.12 0.32
CA GLY B 180 19.56 6.94 -0.54
C GLY B 180 18.23 6.25 -0.72
N LEU B 181 17.12 7.02 -0.78
CA LEU B 181 15.75 6.50 -0.93
C LEU B 181 15.37 6.25 -2.39
N LYS B 182 15.00 5.02 -2.74
CA LYS B 182 14.64 4.63 -4.11
C LYS B 182 13.25 4.06 -4.18
N PRO B 183 12.49 4.38 -5.25
CA PRO B 183 11.17 3.74 -5.42
C PRO B 183 11.28 2.29 -5.92
N ARG B 184 10.36 1.43 -5.49
CA ARG B 184 10.29 0.05 -6.01
C ARG B 184 9.05 -0.07 -6.95
N ARG B 185 8.81 -1.26 -7.54
CA ARG B 185 7.67 -1.40 -8.45
C ARG B 185 6.32 -1.16 -7.75
N ALA B 186 6.21 -1.41 -6.43
CA ALA B 186 4.97 -1.13 -5.70
C ALA B 186 4.71 0.39 -5.54
N ASP B 187 5.75 1.22 -5.70
CA ASP B 187 5.64 2.69 -5.63
C ASP B 187 5.21 3.31 -6.98
N LEU B 188 5.12 2.51 -8.07
CA LEU B 188 4.75 3.04 -9.37
C LEU B 188 3.26 2.84 -9.63
N ASP B 189 2.68 3.76 -10.41
CA ASP B 189 1.27 3.65 -10.80
C ASP B 189 1.13 2.84 -12.13
N MET B 190 -0.09 2.75 -12.70
CA MET B 190 -0.35 2.04 -13.94
C MET B 190 0.43 2.62 -15.15
N ASN B 191 0.80 3.91 -15.10
CA ASN B 191 1.57 4.59 -16.17
C ASN B 191 3.09 4.56 -15.91
N GLN B 192 3.54 3.79 -14.90
CA GLN B 192 4.93 3.59 -14.47
C GLN B 192 5.58 4.88 -13.90
N HIS B 193 4.76 5.80 -13.40
CA HIS B 193 5.27 7.01 -12.75
C HIS B 193 5.18 6.81 -11.24
N VAL B 194 6.09 7.45 -10.47
CA VAL B 194 6.07 7.31 -9.01
C VAL B 194 4.77 7.93 -8.46
N ASN B 195 4.03 7.16 -7.65
CA ASN B 195 2.79 7.59 -7.04
C ASN B 195 3.01 8.82 -6.13
N ASN B 196 2.09 9.78 -6.14
CA ASN B 196 2.21 11.02 -5.36
C ASN B 196 2.29 10.81 -3.85
N VAL B 197 1.71 9.69 -3.37
CA VAL B 197 1.71 9.34 -1.95
C VAL B 197 3.12 8.94 -1.48
N THR B 198 3.96 8.38 -2.38
CA THR B 198 5.34 7.95 -2.08
C THR B 198 6.20 9.11 -1.59
N TYR B 199 6.01 10.30 -2.20
CA TYR B 199 6.73 11.52 -1.82
C TYR B 199 6.40 11.95 -0.40
N ILE B 200 5.14 11.75 0.03
CA ILE B 200 4.69 12.03 1.40
C ILE B 200 5.42 11.10 2.37
N GLY B 201 5.55 9.83 2.01
CA GLY B 201 6.27 8.84 2.81
C GLY B 201 7.74 9.16 2.93
N TRP B 202 8.37 9.55 1.81
CA TRP B 202 9.77 9.97 1.74
C TRP B 202 10.03 11.21 2.58
N VAL B 203 9.10 12.20 2.56
CA VAL B 203 9.22 13.40 3.40
C VAL B 203 9.23 12.99 4.88
N LEU B 204 8.34 12.07 5.26
CA LEU B 204 8.23 11.65 6.65
C LEU B 204 9.36 10.71 7.13
N GLU B 205 10.18 10.14 6.22
CA GLU B 205 11.31 9.26 6.55
C GLU B 205 12.42 9.96 7.36
N SER B 206 12.54 11.29 7.20
CA SER B 206 13.56 12.05 7.93
C SER B 206 13.07 12.61 9.28
N ILE B 207 11.78 12.42 9.64
CA ILE B 207 11.26 12.84 10.94
C ILE B 207 11.85 11.85 11.97
N PRO B 208 12.49 12.37 13.04
CA PRO B 208 13.08 11.46 14.05
C PRO B 208 12.05 10.52 14.70
N GLN B 209 12.47 9.28 15.00
CA GLN B 209 11.63 8.24 15.60
C GLN B 209 10.91 8.67 16.87
N GLU B 210 11.56 9.45 17.73
CA GLU B 210 10.97 9.91 18.97
C GLU B 210 9.78 10.85 18.75
N ILE B 211 9.77 11.61 17.65
CA ILE B 211 8.62 12.45 17.31
C ILE B 211 7.48 11.52 16.90
N VAL B 212 7.75 10.54 16.04
CA VAL B 212 6.75 9.57 15.61
C VAL B 212 6.14 8.81 16.80
N ASP B 213 6.94 8.49 17.81
CA ASP B 213 6.55 7.76 19.02
C ASP B 213 5.75 8.57 20.06
N THR B 214 5.96 9.90 20.13
CA THR B 214 5.28 10.75 21.13
C THR B 214 4.27 11.76 20.55
N HIS B 215 4.26 11.92 19.23
CA HIS B 215 3.38 12.87 18.56
C HIS B 215 2.55 12.21 17.46
N GLU B 216 1.47 12.88 17.07
CA GLU B 216 0.61 12.47 15.97
C GLU B 216 0.67 13.56 14.90
N LEU B 217 0.74 13.18 13.63
CA LEU B 217 0.79 14.15 12.54
C LEU B 217 -0.55 14.86 12.37
N GLN B 218 -0.56 16.18 12.54
CA GLN B 218 -1.80 16.93 12.41
C GLN B 218 -1.94 17.59 11.04
N VAL B 219 -0.94 18.34 10.58
CA VAL B 219 -1.02 19.00 9.28
C VAL B 219 0.21 18.68 8.43
N ILE B 220 0.01 18.56 7.11
CA ILE B 220 1.07 18.35 6.13
C ILE B 220 0.76 19.16 4.87
N THR B 221 1.69 19.99 4.43
CA THR B 221 1.54 20.78 3.21
C THR B 221 2.72 20.40 2.34
N LEU B 222 2.47 19.92 1.12
CA LEU B 222 3.55 19.47 0.24
C LEU B 222 3.51 20.10 -1.17
N ASP B 223 4.61 20.74 -1.61
CA ASP B 223 4.79 21.30 -2.95
C ASP B 223 5.48 20.26 -3.87
N TYR B 224 4.97 20.05 -5.07
CA TYR B 224 5.53 19.11 -6.04
C TYR B 224 6.22 19.92 -7.16
N ARG B 225 7.54 20.08 -7.07
CA ARG B 225 8.30 20.87 -8.04
C ARG B 225 8.78 20.07 -9.24
N ARG B 226 9.13 18.82 -9.02
CA ARG B 226 9.68 17.94 -10.05
C ARG B 226 9.38 16.48 -9.71
N GLU B 227 9.27 15.64 -10.74
N GLU B 227 9.23 15.64 -10.73
N GLU B 227 9.25 15.64 -10.74
CA GLU B 227 9.01 14.22 -10.59
CA GLU B 227 8.97 14.22 -10.50
CA GLU B 227 8.98 14.22 -10.56
C GLU B 227 10.30 13.43 -10.39
C GLU B 227 10.26 13.40 -10.41
C GLU B 227 10.28 13.42 -10.39
N CYS B 228 10.24 12.40 -9.55
CA CYS B 228 11.38 11.51 -9.35
C CYS B 228 11.14 10.36 -10.34
N GLN B 229 12.14 10.07 -11.17
CA GLN B 229 12.03 9.00 -12.13
C GLN B 229 12.27 7.65 -11.45
N GLN B 230 11.82 6.57 -12.09
CA GLN B 230 11.94 5.19 -11.62
C GLN B 230 13.40 4.85 -11.18
N ASP B 231 14.39 5.37 -11.92
CA ASP B 231 15.81 5.12 -11.64
C ASP B 231 16.54 6.28 -10.90
N ASP B 232 15.77 7.18 -10.27
CA ASP B 232 16.37 8.27 -9.47
C ASP B 232 16.51 7.86 -7.99
N VAL B 233 17.42 8.50 -7.27
CA VAL B 233 17.66 8.29 -5.84
C VAL B 233 17.38 9.62 -5.14
N VAL B 234 16.67 9.59 -4.02
CA VAL B 234 16.23 10.77 -3.29
C VAL B 234 16.85 10.88 -1.89
N ASP B 235 17.07 12.13 -1.45
CA ASP B 235 17.52 12.47 -0.11
C ASP B 235 16.38 13.26 0.56
N SER B 236 15.98 12.88 1.78
CA SER B 236 14.91 13.54 2.53
C SER B 236 15.53 14.36 3.70
N LEU B 237 15.31 15.70 3.74
CA LEU B 237 15.90 16.58 4.76
C LEU B 237 14.83 17.22 5.64
N THR B 238 15.10 17.38 6.96
CA THR B 238 14.15 17.97 7.90
C THR B 238 14.84 18.84 8.95
N THR B 239 14.25 19.99 9.28
CA THR B 239 14.74 20.87 10.32
C THR B 239 13.55 21.34 11.17
N THR B 240 13.67 21.35 12.49
CA THR B 240 12.60 21.83 13.37
C THR B 240 12.52 23.34 13.24
N THR B 241 11.34 23.89 12.92
CA THR B 241 11.18 25.35 12.84
C THR B 241 10.46 25.97 14.04
N SER B 242 10.05 25.15 15.02
CA SER B 242 9.38 25.67 16.21
C SER B 242 10.39 26.01 17.33
N ASP B 260 3.30 22.13 20.46
CA ASP B 260 3.33 21.62 19.09
C ASP B 260 4.75 21.60 18.50
N SER B 261 4.98 20.75 17.49
CA SER B 261 6.27 20.63 16.82
C SER B 261 6.11 20.89 15.32
N GLN B 262 6.88 21.84 14.75
CA GLN B 262 6.80 22.14 13.31
C GLN B 262 8.12 21.85 12.64
N PHE B 263 8.06 21.44 11.37
CA PHE B 263 9.26 21.10 10.62
C PHE B 263 9.20 21.63 9.20
N LEU B 264 10.37 21.94 8.65
CA LEU B 264 10.53 22.32 7.25
C LEU B 264 11.18 21.10 6.57
N HIS B 265 10.68 20.72 5.39
CA HIS B 265 11.15 19.54 4.68
C HIS B 265 11.69 19.83 3.28
N LEU B 266 12.58 18.98 2.79
CA LEU B 266 13.12 19.12 1.44
C LEU B 266 13.49 17.76 0.83
N LEU B 267 12.89 17.43 -0.32
CA LEU B 267 13.23 16.23 -1.07
C LEU B 267 14.09 16.71 -2.25
N ARG B 268 15.24 16.08 -2.47
CA ARG B 268 16.13 16.45 -3.56
C ARG B 268 16.89 15.26 -4.09
N LEU B 269 17.27 15.30 -5.37
CA LEU B 269 17.99 14.20 -6.00
C LEU B 269 19.36 14.01 -5.37
N SER B 270 19.64 12.77 -4.93
CA SER B 270 20.85 12.35 -4.22
C SER B 270 22.14 12.81 -4.87
N GLY B 271 22.15 12.91 -6.19
CA GLY B 271 23.32 13.35 -6.91
C GLY B 271 23.52 14.85 -6.91
N ASP B 272 22.97 15.52 -7.94
CA ASP B 272 23.09 16.96 -8.18
C ASP B 272 22.40 17.86 -7.15
N GLY B 273 21.51 17.30 -6.32
CA GLY B 273 20.79 18.09 -5.34
C GLY B 273 19.65 18.90 -5.93
N GLN B 274 19.10 18.42 -7.05
CA GLN B 274 17.98 19.02 -7.77
C GLN B 274 16.73 18.84 -6.92
N GLU B 275 15.99 19.93 -6.67
CA GLU B 275 14.79 19.86 -5.83
C GLU B 275 13.63 19.13 -6.51
N ILE B 276 12.97 18.24 -5.77
CA ILE B 276 11.80 17.56 -6.28
C ILE B 276 10.56 17.98 -5.46
N ASN B 277 10.71 18.16 -4.14
CA ASN B 277 9.62 18.57 -3.26
C ASN B 277 10.11 19.43 -2.10
N ARG B 278 9.21 20.23 -1.55
CA ARG B 278 9.42 21.01 -0.33
C ARG B 278 8.09 21.02 0.44
N GLY B 279 8.16 21.03 1.77
CA GLY B 279 6.95 20.99 2.58
C GLY B 279 7.09 21.32 4.04
N THR B 280 5.98 21.30 4.76
CA THR B 280 5.92 21.57 6.20
C THR B 280 5.00 20.57 6.87
N THR B 281 5.32 20.21 8.11
CA THR B 281 4.47 19.34 8.92
C THR B 281 4.27 19.96 10.31
N LEU B 282 3.10 19.72 10.91
CA LEU B 282 2.76 20.17 12.25
C LEU B 282 2.34 18.92 13.03
N TRP B 283 2.93 18.70 14.21
CA TRP B 283 2.62 17.50 15.00
C TRP B 283 2.10 17.90 16.38
N ARG B 284 1.12 17.13 16.92
CA ARG B 284 0.50 17.34 18.23
C ARG B 284 0.92 16.24 19.21
N LYS B 285 1.22 16.59 20.48
CA LYS B 285 1.58 15.61 21.52
C LYS B 285 0.40 14.68 21.76
N LYS B 286 0.64 13.36 21.87
CA LYS B 286 -0.43 12.40 22.13
C LYS B 286 -0.97 12.54 23.55
C1 4FS C . 2.36 -9.07 -10.96
C5 4FS C . 6.29 -6.72 -9.13
C3 4FS C . 4.10 -7.31 -8.34
C6 4FS C . 6.06 -7.33 -10.33
N 4FS C . 2.95 -9.77 -13.21
C 4FS C . 3.29 -9.16 -12.02
C8 4FS C . 4.52 -8.58 -11.81
C7 4FS C . 4.82 -7.95 -10.58
C2 4FS C . 3.82 -7.93 -9.58
N1 4FS C . 2.59 -8.51 -9.79
C4 4FS C . 5.30 -6.73 -8.12
C1 4FS D . -4.96 -19.52 14.06
C5 4FS D . -9.54 -20.21 12.35
C3 4FS D . -8.14 -18.33 12.87
C6 4FS D . -8.57 -21.08 12.74
N 4FS D . -4.01 -21.71 14.40
C 4FS D . -5.06 -20.92 14.02
C8 4FS D . -6.27 -21.44 13.59
C7 4FS D . -7.32 -20.59 13.19
C2 4FS D . -7.10 -19.20 13.24
N1 4FS D . -5.92 -18.68 13.70
C4 4FS D . -9.33 -18.83 12.43
S SO4 E . -2.49 -19.10 11.19
O1 SO4 E . -1.03 -19.19 11.07
O2 SO4 E . -3.10 -20.37 10.77
O3 SO4 E . -2.66 -18.86 12.64
O4 SO4 E . -3.09 -17.99 10.42
C1 4FS F . -11.23 17.29 -13.59
C5 4FS F . -15.61 16.51 -11.46
C3 4FS F . -13.74 15.16 -12.13
C6 4FS F . -14.99 17.63 -11.89
N 4FS F . -11.07 19.66 -13.98
C 4FS F . -11.77 18.57 -13.53
C8 4FS F . -13.02 18.70 -12.95
C7 4FS F . -13.70 17.57 -12.47
C2 4FS F . -13.07 16.32 -12.59
N1 4FS F . -11.84 16.20 -13.17
C4 4FS F . -14.98 15.26 -11.59
C1 4FS G . 0.65 9.30 10.64
C5 4FS G . 4.95 8.23 8.47
C3 4FS G . 2.61 8.12 7.87
C6 4FS G . 4.65 8.76 9.68
N 4FS G . 1.19 10.19 12.85
C 4FS G . 1.60 9.66 11.63
C8 4FS G . 2.93 9.49 11.31
C7 4FS G . 3.30 8.99 10.05
C2 4FS G . 2.27 8.66 9.14
N1 4FS G . 0.95 8.79 9.47
C4 4FS G . 3.93 7.91 7.55
S SO4 H . -8.38 17.39 -10.81
O1 SO4 H . -8.08 16.68 -9.58
O2 SO4 H . -8.42 16.46 -11.93
O3 SO4 H . -9.66 18.10 -10.61
O4 SO4 H . -7.36 18.39 -11.21
#